data_3I5A
#
_entry.id   3I5A
#
_cell.length_a   111.700
_cell.length_b   181.200
_cell.length_c   39.550
_cell.angle_alpha   90.00
_cell.angle_beta   90.00
_cell.angle_gamma   90.00
#
_symmetry.space_group_name_H-M   'C 2 2 2'
#
loop_
_entity.id
_entity.type
_entity.pdbx_description
1 polymer 'Response regulator/GGDEF domain protein'
2 non-polymer "9,9'-[(2R,3R,3aS,5S,7aR,9R,10R,10aS,12S,14aR)-3,5,10,12-tetrahydroxy-5,12-dioxidooctahydro-2H,7H-difuro[3,2-d:3',2'-j][1,3,7,9,2,8]tetraoxadiphosphacyclododecine-2,9-diyl]bis(2-amino-1,9-dihydro-6H-purin-6-one)"
3 non-polymer 'STRONTIUM ION'
4 water water
#
_entity_poly.entity_id   1
_entity_poly.type   'polypeptide(L)'
_entity_poly.pdbx_seq_one_letter_code
;MDDLQADDIKTSDENSAMVLLVDDQAMIGEAVRRGLAGHESIDFHFCADPHQAIAQAVQIKPTVILQDLVMPGLDGLTLV
REYRSNPLTRDIPIIVLSTKEDPLIKSAAFAAGANDYLVKLPDNIELVARIRYHSRSYMTLLQRDEAYRALRVSQQQLLD
TNLVLQRLMNSDGLTGLSNRRHFDEYLELEWRRATRDQAQLSLLMIDVDYFKAYNDNFGHLEGDEALRQVAKAIRNSCSR
PSDLPARYGGEEFAMVLPNTSPGGARLLAEKLRQSVAGMNIPHIAPVPGSSLTVSIGVATVTPQVGQHSRQLILDADKGL
YLAKNNGRNQVAAG
;
_entity_poly.pdbx_strand_id   A
#
loop_
_chem_comp.id
_chem_comp.type
_chem_comp.name
_chem_comp.formula
C2E non-polymer 9,9'-[(2R,3R,3aS,5S,7aR,9R,10R,10aS,12S,14aR)-3,5,10,12-tetrahydroxy-5,12-dioxidooctahydro-2H,7H-difuro[3,2-d:3',2'-j][1,3,7,9,2,8]tetraoxadiphosphacyclododecine-2,9-diyl]bis(2-amino-1,9-dihydro-6H-purin-6-one) 'C20 H24 N10 O14 P2'
SR non-polymer 'STRONTIUM ION' 'Sr 2'
#
# COMPACT_ATOMS: atom_id res chain seq x y z
N SER A 16 32.13 -6.44 -8.15
CA SER A 16 33.54 -6.80 -8.01
C SER A 16 33.71 -8.29 -7.66
N ALA A 17 34.84 -8.65 -7.07
CA ALA A 17 35.09 -10.02 -6.66
C ALA A 17 36.10 -10.08 -5.53
N MET A 18 35.86 -10.96 -4.57
CA MET A 18 36.78 -11.11 -3.45
C MET A 18 36.86 -12.58 -3.03
N VAL A 19 38.01 -13.19 -3.26
CA VAL A 19 38.18 -14.57 -2.87
C VAL A 19 38.94 -14.72 -1.55
N LEU A 20 38.30 -15.35 -0.58
CA LEU A 20 38.99 -15.78 0.62
C LEU A 20 39.53 -17.20 0.43
N LEU A 21 40.85 -17.33 0.35
CA LEU A 21 41.46 -18.65 0.37
C LEU A 21 41.81 -19.00 1.82
N VAL A 22 41.63 -20.27 2.16
CA VAL A 22 41.94 -20.77 3.49
C VAL A 22 42.61 -22.12 3.31
N ASP A 23 43.90 -22.18 3.60
CA ASP A 23 44.69 -23.36 3.35
C ASP A 23 45.95 -23.30 4.21
N ASP A 24 46.34 -24.45 4.76
CA ASP A 24 47.49 -24.51 5.66
C ASP A 24 48.81 -24.14 4.96
N GLN A 25 49.00 -24.63 3.74
CA GLN A 25 50.26 -24.45 3.02
C GLN A 25 50.33 -23.13 2.25
N ALA A 26 51.35 -22.32 2.56
CA ALA A 26 51.59 -21.08 1.85
C ALA A 26 51.74 -21.28 0.36
N MET A 27 52.11 -22.50 -0.04
CA MET A 27 52.37 -22.78 -1.45
C MET A 27 51.06 -22.72 -2.26
N ILE A 28 49.94 -22.97 -1.59
CA ILE A 28 48.65 -22.85 -2.27
C ILE A 28 48.20 -21.39 -2.26
N GLY A 29 48.32 -20.74 -1.10
CA GLY A 29 48.03 -19.33 -1.00
C GLY A 29 48.78 -18.53 -2.04
N GLU A 30 49.93 -19.05 -2.43
CA GLU A 30 50.81 -18.37 -3.39
C GLU A 30 50.34 -18.58 -4.82
N ALA A 31 50.03 -19.83 -5.15
CA ALA A 31 49.57 -20.17 -6.49
C ALA A 31 48.34 -19.36 -6.85
N VAL A 32 47.41 -19.28 -5.90
CA VAL A 32 46.17 -18.53 -6.10
C VAL A 32 46.49 -17.04 -6.27
N ARG A 33 47.20 -16.48 -5.30
CA ARG A 33 47.66 -15.09 -5.36
C ARG A 33 48.20 -14.77 -6.75
N ARG A 34 48.99 -15.70 -7.30
CA ARG A 34 49.59 -15.53 -8.62
C ARG A 34 48.58 -15.63 -9.76
N GLY A 35 47.69 -16.61 -9.69
CA GLY A 35 46.67 -16.75 -10.70
C GLY A 35 45.78 -15.52 -10.82
N LEU A 36 45.65 -14.78 -9.72
CA LEU A 36 44.69 -13.67 -9.63
C LEU A 36 45.30 -12.28 -9.74
N ALA A 37 46.62 -12.19 -9.83
CA ALA A 37 47.27 -10.88 -9.90
C ALA A 37 46.89 -10.14 -11.18
N GLY A 38 46.88 -10.85 -12.31
CA GLY A 38 46.54 -10.25 -13.59
C GLY A 38 45.04 -10.04 -13.78
N HIS A 39 44.31 -9.90 -12.68
CA HIS A 39 42.87 -9.68 -12.72
C HIS A 39 42.47 -8.62 -11.71
N GLU A 40 42.26 -7.40 -12.18
CA GLU A 40 41.90 -6.27 -11.33
C GLU A 40 40.46 -6.41 -10.80
N SER A 41 39.60 -6.97 -11.62
CA SER A 41 38.20 -7.21 -11.26
C SER A 41 38.07 -8.01 -9.97
N ILE A 42 39.04 -8.88 -9.72
CA ILE A 42 38.98 -9.78 -8.58
C ILE A 42 40.16 -9.68 -7.62
N ASP A 43 39.87 -9.52 -6.33
CA ASP A 43 40.89 -9.42 -5.31
C ASP A 43 41.02 -10.72 -4.51
N PHE A 44 42.21 -10.94 -3.96
CA PHE A 44 42.53 -12.16 -3.26
C PHE A 44 42.79 -11.90 -1.79
N HIS A 45 42.52 -12.89 -0.94
CA HIS A 45 42.85 -12.78 0.48
C HIS A 45 43.15 -14.15 1.11
N PHE A 46 44.42 -14.36 1.45
CA PHE A 46 44.87 -15.65 2.00
C PHE A 46 44.70 -15.72 3.50
N CYS A 47 44.18 -16.85 3.96
CA CYS A 47 43.96 -17.08 5.39
C CYS A 47 44.53 -18.44 5.78
N ALA A 48 45.79 -18.45 6.16
CA ALA A 48 46.48 -19.69 6.53
C ALA A 48 46.07 -20.20 7.90
N ASP A 49 45.60 -19.28 8.76
CA ASP A 49 45.17 -19.65 10.10
C ASP A 49 43.67 -19.93 10.13
N PRO A 50 43.31 -21.22 10.11
CA PRO A 50 41.92 -21.66 10.11
C PRO A 50 41.15 -21.22 11.37
N HIS A 51 41.86 -20.61 12.32
CA HIS A 51 41.22 -20.08 13.52
C HIS A 51 41.11 -18.56 13.49
N GLN A 52 40.97 -18.04 12.28
CA GLN A 52 40.64 -16.64 12.05
C GLN A 52 39.77 -16.62 10.80
N ALA A 53 39.51 -17.83 10.29
CA ALA A 53 38.79 -18.03 9.05
C ALA A 53 37.46 -17.27 8.96
N ILE A 54 36.51 -17.64 9.82
CA ILE A 54 35.21 -16.98 9.81
C ILE A 54 35.32 -15.51 10.21
N ALA A 55 36.27 -15.21 11.09
CA ALA A 55 36.51 -13.83 11.49
C ALA A 55 36.83 -12.97 10.27
N GLN A 56 37.82 -13.38 9.49
CA GLN A 56 38.19 -12.65 8.29
C GLN A 56 37.11 -12.66 7.22
N ALA A 57 36.35 -13.76 7.18
CA ALA A 57 35.22 -13.86 6.28
C ALA A 57 34.24 -12.71 6.53
N VAL A 58 33.98 -12.44 7.81
CA VAL A 58 33.09 -11.36 8.20
C VAL A 58 33.68 -10.00 7.85
N GLN A 59 34.98 -9.88 8.02
CA GLN A 59 35.67 -8.59 7.90
C GLN A 59 35.82 -8.11 6.45
N ILE A 60 36.19 -9.01 5.55
CA ILE A 60 36.48 -8.63 4.17
C ILE A 60 35.30 -8.74 3.21
N LYS A 61 34.24 -9.40 3.68
CA LYS A 61 33.06 -9.63 2.85
C LYS A 61 33.42 -10.28 1.51
N PRO A 62 33.96 -11.51 1.54
CA PRO A 62 34.32 -12.24 0.33
C PRO A 62 33.07 -12.65 -0.43
N THR A 63 33.22 -12.90 -1.73
CA THR A 63 32.11 -13.23 -2.60
C THR A 63 32.18 -14.71 -2.97
N VAL A 64 33.29 -15.35 -2.59
CA VAL A 64 33.46 -16.79 -2.74
C VAL A 64 34.69 -17.21 -1.95
N ILE A 65 34.57 -18.27 -1.17
CA ILE A 65 35.70 -18.73 -0.38
C ILE A 65 36.17 -20.11 -0.85
N LEU A 66 37.49 -20.31 -0.84
CA LEU A 66 38.08 -21.59 -1.21
C LEU A 66 38.56 -22.28 0.05
N GLN A 67 38.11 -23.50 0.28
CA GLN A 67 38.42 -24.17 1.53
C GLN A 67 39.18 -25.49 1.34
N ASP A 68 40.38 -25.55 1.91
CA ASP A 68 41.14 -26.78 1.96
C ASP A 68 40.47 -27.73 2.95
N LEU A 69 40.45 -29.02 2.64
CA LEU A 69 39.74 -30.00 3.48
C LEU A 69 40.58 -30.55 4.63
N VAL A 70 41.90 -30.52 4.47
CA VAL A 70 42.80 -30.95 5.54
C VAL A 70 43.78 -29.82 5.86
N MET A 71 43.88 -29.46 7.13
CA MET A 71 44.73 -28.34 7.54
C MET A 71 45.51 -28.68 8.82
N PRO A 72 46.03 -27.67 9.54
CA PRO A 72 46.79 -28.08 10.73
C PRO A 72 45.87 -28.52 11.86
N GLY A 73 45.57 -29.81 11.93
CA GLY A 73 44.73 -30.34 12.99
C GLY A 73 43.50 -29.50 13.28
N LEU A 74 42.74 -29.20 12.24
CA LEU A 74 41.41 -28.60 12.36
C LEU A 74 40.61 -28.99 11.13
N ASP A 75 39.54 -29.76 11.32
CA ASP A 75 38.82 -30.31 10.19
C ASP A 75 38.34 -29.21 9.25
N GLY A 76 38.65 -29.36 7.97
CA GLY A 76 38.21 -28.43 6.96
C GLY A 76 36.69 -28.41 6.84
N LEU A 77 36.07 -29.59 6.94
CA LEU A 77 34.62 -29.69 6.89
C LEU A 77 33.93 -29.09 8.11
N THR A 78 34.66 -29.02 9.22
CA THR A 78 34.16 -28.31 10.40
C THR A 78 33.95 -26.84 10.06
N LEU A 79 34.82 -26.30 9.23
CA LEU A 79 34.75 -24.90 8.83
C LEU A 79 33.67 -24.70 7.78
N VAL A 80 33.51 -25.67 6.88
CA VAL A 80 32.41 -25.62 5.93
C VAL A 80 31.10 -25.67 6.72
N ARG A 81 31.14 -26.30 7.90
CA ARG A 81 29.98 -26.33 8.79
C ARG A 81 29.65 -24.92 9.27
N GLU A 82 30.64 -24.28 9.89
CA GLU A 82 30.46 -22.93 10.42
C GLU A 82 30.01 -21.92 9.36
N TYR A 83 30.64 -21.94 8.19
CA TYR A 83 30.26 -21.04 7.10
C TYR A 83 28.76 -21.06 6.83
N ARG A 84 28.20 -22.24 6.67
CA ARG A 84 26.77 -22.38 6.44
C ARG A 84 26.00 -22.19 7.74
N SER A 85 26.71 -22.17 8.85
CA SER A 85 26.10 -22.04 10.17
C SER A 85 25.90 -20.58 10.53
N ASN A 86 26.99 -19.82 10.58
CA ASN A 86 26.90 -18.39 10.76
C ASN A 86 26.20 -17.76 9.57
N PRO A 87 25.10 -17.04 9.81
CA PRO A 87 24.32 -16.42 8.72
C PRO A 87 25.00 -15.19 8.14
N LEU A 88 26.12 -14.76 8.74
CA LEU A 88 26.89 -13.66 8.19
C LEU A 88 27.70 -14.14 6.99
N THR A 89 27.64 -15.45 6.75
CA THR A 89 28.43 -16.09 5.72
C THR A 89 27.53 -17.09 5.02
N ARG A 90 26.42 -17.40 5.68
CA ARG A 90 25.45 -18.37 5.21
C ARG A 90 25.37 -18.48 3.69
N ASP A 91 25.38 -17.33 3.02
CA ASP A 91 25.03 -17.29 1.60
C ASP A 91 26.24 -17.22 0.68
N ILE A 92 27.44 -17.26 1.24
CA ILE A 92 28.66 -17.17 0.43
C ILE A 92 28.99 -18.52 -0.21
N PRO A 93 29.23 -18.52 -1.53
CA PRO A 93 29.56 -19.76 -2.25
C PRO A 93 30.90 -20.36 -1.79
N ILE A 94 30.92 -21.67 -1.58
CA ILE A 94 32.13 -22.33 -1.09
C ILE A 94 32.68 -23.40 -2.04
N ILE A 95 33.88 -23.14 -2.57
CA ILE A 95 34.57 -24.15 -3.35
C ILE A 95 35.57 -24.88 -2.46
N VAL A 96 35.39 -26.18 -2.28
CA VAL A 96 36.36 -26.93 -1.47
C VAL A 96 37.56 -27.38 -2.31
N LEU A 97 38.75 -27.11 -1.78
CA LEU A 97 40.00 -27.53 -2.40
C LEU A 97 40.52 -28.78 -1.74
N SER A 98 40.57 -29.86 -2.50
CA SER A 98 41.07 -31.08 -1.89
C SER A 98 42.27 -31.67 -2.60
N THR A 99 42.90 -32.59 -1.90
CA THR A 99 43.98 -33.39 -2.41
C THR A 99 43.75 -34.75 -1.73
N LYS A 100 43.20 -35.73 -2.47
CA LYS A 100 42.92 -35.63 -3.92
C LYS A 100 41.42 -35.73 -4.26
N GLU A 101 40.89 -36.95 -4.25
CA GLU A 101 39.52 -37.19 -4.74
C GLU A 101 38.71 -38.26 -3.98
N ASP A 102 39.25 -38.66 -2.82
CA ASP A 102 38.52 -39.46 -1.82
C ASP A 102 36.98 -39.42 -1.92
N PRO A 103 36.32 -40.47 -1.39
CA PRO A 103 34.89 -40.77 -1.61
C PRO A 103 33.89 -39.88 -0.83
N LEU A 104 33.67 -40.26 0.43
CA LEU A 104 32.73 -39.56 1.32
C LEU A 104 33.10 -38.09 1.42
N ILE A 105 34.34 -37.77 1.08
CA ILE A 105 34.88 -36.43 1.25
C ILE A 105 34.43 -35.49 0.13
N LYS A 106 34.07 -36.07 -1.02
CA LYS A 106 33.40 -35.31 -2.07
C LYS A 106 31.89 -35.25 -1.73
N SER A 107 31.32 -36.37 -1.30
CA SER A 107 29.90 -36.42 -0.89
C SER A 107 29.63 -35.61 0.38
N ALA A 108 30.59 -35.64 1.30
CA ALA A 108 30.56 -34.82 2.51
C ALA A 108 30.73 -33.33 2.16
N ALA A 109 31.67 -33.03 1.28
CA ALA A 109 31.83 -31.66 0.79
C ALA A 109 30.48 -30.98 0.65
N PHE A 110 29.62 -31.61 -0.14
CA PHE A 110 28.27 -31.14 -0.42
C PHE A 110 27.32 -31.30 0.77
N ALA A 111 27.42 -32.41 1.49
CA ALA A 111 26.63 -32.59 2.71
C ALA A 111 26.92 -31.47 3.71
N ALA A 112 28.15 -30.95 3.67
CA ALA A 112 28.56 -29.91 4.61
C ALA A 112 28.24 -28.53 4.07
N GLY A 113 27.84 -28.46 2.81
CA GLY A 113 27.43 -27.20 2.21
C GLY A 113 28.27 -26.75 1.03
N ALA A 114 29.42 -27.37 0.82
CA ALA A 114 30.26 -27.03 -0.31
C ALA A 114 29.43 -26.95 -1.57
N ASN A 115 29.86 -26.12 -2.51
CA ASN A 115 29.17 -25.96 -3.79
C ASN A 115 30.06 -26.46 -4.91
N ASP A 116 31.30 -26.80 -4.56
CA ASP A 116 32.25 -27.37 -5.50
C ASP A 116 33.30 -28.15 -4.75
N TYR A 117 34.05 -28.98 -5.48
CA TYR A 117 35.10 -29.79 -4.91
C TYR A 117 36.17 -29.86 -5.96
N LEU A 118 37.23 -29.07 -5.80
CA LEU A 118 38.28 -28.97 -6.80
C LEU A 118 39.63 -29.53 -6.31
N VAL A 119 40.43 -30.04 -7.25
CA VAL A 119 41.76 -30.59 -6.95
C VAL A 119 42.83 -29.53 -7.16
N LYS A 120 43.55 -29.19 -6.10
CA LYS A 120 44.50 -28.07 -6.21
C LYS A 120 45.60 -28.37 -7.22
N LEU A 121 45.63 -27.66 -8.36
CA LEU A 121 44.62 -26.67 -8.75
C LEU A 121 44.39 -26.81 -10.25
N PRO A 122 43.16 -26.53 -10.72
CA PRO A 122 43.02 -26.53 -12.18
C PRO A 122 43.83 -25.37 -12.74
N ASP A 123 43.85 -25.20 -14.06
CA ASP A 123 44.61 -24.09 -14.64
C ASP A 123 43.93 -22.77 -14.34
N ASN A 124 44.64 -21.66 -14.53
CA ASN A 124 44.14 -20.34 -14.16
C ASN A 124 43.00 -19.85 -15.04
N ILE A 125 42.48 -20.74 -15.87
CA ILE A 125 41.31 -20.40 -16.67
C ILE A 125 40.06 -20.91 -15.97
N GLU A 126 39.99 -22.21 -15.73
CA GLU A 126 38.87 -22.77 -15.00
C GLU A 126 38.83 -22.20 -13.59
N LEU A 127 39.99 -21.85 -13.05
CA LEU A 127 40.04 -21.34 -11.69
C LEU A 127 39.35 -20.00 -11.61
N VAL A 128 39.64 -19.11 -12.56
CA VAL A 128 38.98 -17.82 -12.61
C VAL A 128 37.52 -17.96 -13.04
N ALA A 129 37.28 -18.80 -14.05
CA ALA A 129 35.92 -19.06 -14.50
C ALA A 129 35.04 -19.39 -13.30
N ARG A 130 35.36 -20.52 -12.66
CA ARG A 130 34.64 -21.00 -11.48
C ARG A 130 34.47 -19.92 -10.41
N ILE A 131 35.56 -19.21 -10.11
CA ILE A 131 35.52 -18.13 -9.13
C ILE A 131 34.55 -17.05 -9.61
N ARG A 132 34.75 -16.60 -10.85
CA ARG A 132 33.93 -15.58 -11.48
C ARG A 132 32.43 -15.92 -11.39
N TYR A 133 32.10 -17.18 -11.61
CA TYR A 133 30.70 -17.63 -11.60
C TYR A 133 30.04 -17.56 -10.22
N HIS A 134 30.59 -18.27 -9.26
CA HIS A 134 30.05 -18.25 -7.90
C HIS A 134 30.03 -16.84 -7.32
N SER A 135 31.12 -16.11 -7.54
CA SER A 135 31.25 -14.76 -7.02
C SER A 135 30.05 -14.00 -7.56
N ARG A 136 29.92 -14.00 -8.88
CA ARG A 136 28.89 -13.20 -9.56
C ARG A 136 27.48 -13.59 -9.15
N SER A 137 27.24 -14.86 -8.85
CA SER A 137 25.92 -15.27 -8.40
C SER A 137 25.65 -14.65 -7.04
N TYR A 138 26.56 -14.84 -6.10
CA TYR A 138 26.43 -14.22 -4.79
C TYR A 138 26.14 -12.73 -4.95
N MET A 139 26.94 -12.07 -5.78
CA MET A 139 26.76 -10.65 -6.04
C MET A 139 25.30 -10.31 -6.33
N THR A 140 24.71 -11.01 -7.29
CA THR A 140 23.34 -10.74 -7.68
C THR A 140 22.35 -11.25 -6.64
N LEU A 141 22.78 -12.17 -5.77
CA LEU A 141 21.97 -12.52 -4.62
C LEU A 141 21.86 -11.31 -3.69
N LEU A 142 22.99 -10.65 -3.48
CA LEU A 142 23.02 -9.43 -2.68
C LEU A 142 22.12 -8.39 -3.30
N GLN A 143 22.20 -8.26 -4.61
CA GLN A 143 21.47 -7.23 -5.35
C GLN A 143 19.96 -7.41 -5.28
N ARG A 144 19.50 -8.64 -5.45
CA ARG A 144 18.09 -8.95 -5.37
C ARG A 144 17.57 -8.62 -3.97
N ASP A 145 18.34 -8.97 -2.95
CA ASP A 145 17.94 -8.65 -1.59
C ASP A 145 17.91 -7.14 -1.38
N GLU A 146 18.96 -6.44 -1.82
CA GLU A 146 18.95 -4.99 -1.77
C GLU A 146 17.70 -4.43 -2.45
N ALA A 147 17.39 -4.96 -3.63
CA ALA A 147 16.23 -4.48 -4.38
C ALA A 147 14.94 -4.71 -3.61
N TYR A 148 14.81 -5.90 -3.01
CA TYR A 148 13.65 -6.23 -2.20
C TYR A 148 13.39 -5.19 -1.11
N ARG A 149 14.46 -4.79 -0.43
CA ARG A 149 14.38 -3.73 0.58
C ARG A 149 13.86 -2.44 -0.04
N ALA A 150 14.60 -1.92 -1.03
CA ALA A 150 14.27 -0.65 -1.65
C ALA A 150 12.85 -0.62 -2.24
N LEU A 151 12.44 -1.73 -2.83
CA LEU A 151 11.09 -1.84 -3.36
C LEU A 151 10.05 -1.80 -2.24
N ARG A 152 10.35 -2.48 -1.14
CA ARG A 152 9.44 -2.50 0.01
C ARG A 152 9.24 -1.10 0.56
N VAL A 153 10.32 -0.32 0.55
CA VAL A 153 10.27 1.08 0.96
C VAL A 153 9.37 1.87 0.02
N SER A 154 9.76 1.96 -1.25
CA SER A 154 8.96 2.69 -2.23
C SER A 154 7.49 2.29 -2.19
N GLN A 155 7.22 0.99 -2.14
CA GLN A 155 5.85 0.48 -2.13
C GLN A 155 5.07 0.95 -0.90
N GLN A 156 5.76 1.09 0.22
CA GLN A 156 5.13 1.56 1.46
C GLN A 156 5.15 3.08 1.58
N GLN A 157 5.79 3.74 0.61
CA GLN A 157 5.69 5.18 0.48
C GLN A 157 4.45 5.50 -0.33
N LEU A 158 4.25 4.74 -1.41
CA LEU A 158 3.04 4.85 -2.19
C LEU A 158 1.87 4.32 -1.37
N LEU A 159 2.17 3.43 -0.42
CA LEU A 159 1.19 2.93 0.53
C LEU A 159 0.43 4.09 1.16
N ASP A 160 1.15 4.90 1.93
CA ASP A 160 0.55 5.99 2.67
C ASP A 160 0.17 7.14 1.75
N THR A 161 0.97 7.37 0.72
CA THR A 161 0.67 8.40 -0.26
C THR A 161 -0.75 8.21 -0.76
N ASN A 162 -1.15 6.95 -0.90
CA ASN A 162 -2.47 6.62 -1.42
C ASN A 162 -3.59 6.89 -0.43
N LEU A 163 -3.34 6.60 0.84
CA LEU A 163 -4.31 6.91 1.89
C LEU A 163 -4.63 8.39 1.87
N VAL A 164 -3.60 9.20 2.08
CA VAL A 164 -3.77 10.65 2.13
C VAL A 164 -4.60 11.24 0.99
N LEU A 165 -4.09 11.18 -0.24
CA LEU A 165 -4.81 11.78 -1.36
C LEU A 165 -6.23 11.23 -1.54
N GLN A 166 -6.49 10.05 -0.99
CA GLN A 166 -7.80 9.44 -1.11
C GLN A 166 -8.77 9.96 -0.05
N ARG A 167 -8.38 9.83 1.23
CA ARG A 167 -9.10 10.38 2.36
C ARG A 167 -9.30 11.89 2.18
N LEU A 168 -8.69 12.44 1.14
CA LEU A 168 -8.58 13.89 1.02
C LEU A 168 -9.04 14.42 -0.33
N MET A 169 -8.88 13.63 -1.38
CA MET A 169 -9.31 14.04 -2.70
C MET A 169 -10.82 13.96 -2.82
N ASN A 170 -11.36 12.92 -2.21
CA ASN A 170 -12.74 12.53 -2.41
C ASN A 170 -13.58 12.70 -1.17
N SER A 171 -12.94 13.07 -0.07
CA SER A 171 -13.65 13.22 1.19
C SER A 171 -13.64 14.65 1.72
N ASP A 172 -14.82 15.09 2.15
CA ASP A 172 -14.96 16.33 2.88
C ASP A 172 -14.47 16.10 4.30
N GLY A 173 -13.47 16.88 4.72
CA GLY A 173 -12.81 16.66 5.99
C GLY A 173 -13.72 16.72 7.20
N LEU A 174 -14.59 17.73 7.23
CA LEU A 174 -15.44 18.01 8.40
C LEU A 174 -16.46 16.92 8.69
N THR A 175 -17.14 16.45 7.64
CA THR A 175 -18.19 15.46 7.81
C THR A 175 -17.71 14.07 7.41
N GLY A 176 -16.77 14.03 6.48
CA GLY A 176 -16.26 12.76 6.02
C GLY A 176 -17.06 12.20 4.86
N LEU A 177 -18.25 12.75 4.65
CA LEU A 177 -19.03 12.41 3.47
C LEU A 177 -18.16 12.72 2.27
N SER A 178 -18.60 12.29 1.08
CA SER A 178 -17.89 12.66 -0.12
C SER A 178 -17.91 14.17 -0.22
N ASN A 179 -17.01 14.74 -1.02
CA ASN A 179 -17.06 16.16 -1.26
C ASN A 179 -17.77 16.48 -2.57
N ARG A 180 -17.78 17.76 -2.93
CA ARG A 180 -18.52 18.19 -4.10
C ARG A 180 -17.96 17.63 -5.40
N ARG A 181 -16.66 17.77 -5.62
CA ARG A 181 -16.07 17.31 -6.86
C ARG A 181 -16.21 15.80 -7.02
N HIS A 182 -16.18 15.06 -5.91
CA HIS A 182 -16.45 13.63 -5.98
C HIS A 182 -17.90 13.40 -6.37
N PHE A 183 -18.81 14.15 -5.73
CA PHE A 183 -20.21 14.11 -6.09
C PHE A 183 -20.39 14.37 -7.58
N ASP A 184 -19.92 15.53 -8.03
CA ASP A 184 -20.06 15.93 -9.43
C ASP A 184 -19.59 14.83 -10.37
N GLU A 185 -18.40 14.30 -10.09
CA GLU A 185 -17.81 13.28 -10.93
C GLU A 185 -18.51 11.93 -10.76
N TYR A 186 -18.84 11.58 -9.52
CA TYR A 186 -19.54 10.32 -9.26
C TYR A 186 -20.92 10.30 -9.92
N LEU A 187 -21.64 11.39 -9.78
CA LEU A 187 -22.98 11.49 -10.34
C LEU A 187 -22.93 11.43 -11.86
N GLU A 188 -21.88 12.00 -12.44
CA GLU A 188 -21.75 11.96 -13.89
C GLU A 188 -21.58 10.53 -14.37
N LEU A 189 -20.83 9.76 -13.60
CA LEU A 189 -20.59 8.37 -13.93
C LEU A 189 -21.91 7.61 -13.84
N GLU A 190 -22.62 7.82 -12.73
CA GLU A 190 -23.85 7.09 -12.45
C GLU A 190 -24.94 7.42 -13.45
N TRP A 191 -24.89 8.64 -13.98
CA TRP A 191 -25.82 9.06 -15.02
C TRP A 191 -25.65 8.16 -16.23
N ARG A 192 -24.42 7.98 -16.68
CA ARG A 192 -24.11 7.11 -17.81
C ARG A 192 -24.48 5.64 -17.56
N ARG A 193 -24.13 5.14 -16.38
CA ARG A 193 -24.51 3.78 -16.03
C ARG A 193 -26.03 3.64 -16.09
N ALA A 194 -26.72 4.63 -15.55
CA ALA A 194 -28.17 4.62 -15.48
C ALA A 194 -28.82 4.60 -16.87
N THR A 195 -28.32 5.42 -17.78
CA THR A 195 -28.89 5.47 -19.12
C THR A 195 -28.65 4.16 -19.90
N ARG A 196 -27.52 3.51 -19.67
CA ARG A 196 -27.36 2.20 -20.30
C ARG A 196 -28.38 1.18 -19.77
N ASP A 197 -28.68 1.24 -18.48
CA ASP A 197 -29.54 0.23 -17.84
C ASP A 197 -30.99 0.66 -17.82
N GLN A 198 -31.28 1.84 -18.38
CA GLN A 198 -32.60 2.46 -18.25
C GLN A 198 -33.12 2.21 -16.84
N ALA A 199 -32.30 2.64 -15.89
CA ALA A 199 -32.57 2.44 -14.47
C ALA A 199 -33.05 3.75 -13.86
N GLN A 200 -33.71 3.66 -12.72
CA GLN A 200 -34.17 4.85 -12.02
C GLN A 200 -33.09 5.40 -11.12
N LEU A 201 -32.61 6.58 -11.50
CA LEU A 201 -31.60 7.27 -10.74
C LEU A 201 -32.30 8.35 -9.90
N SER A 202 -32.16 8.26 -8.59
CA SER A 202 -32.78 9.24 -7.70
C SER A 202 -31.72 10.10 -7.02
N LEU A 203 -32.13 11.29 -6.60
CA LEU A 203 -31.21 12.21 -5.96
C LEU A 203 -31.87 12.98 -4.83
N LEU A 204 -31.20 13.03 -3.68
CA LEU A 204 -31.69 13.83 -2.55
C LEU A 204 -30.85 15.10 -2.41
N MET A 205 -31.53 16.24 -2.31
CA MET A 205 -30.87 17.51 -2.07
C MET A 205 -31.31 17.98 -0.70
N ILE A 206 -30.36 18.10 0.21
CA ILE A 206 -30.66 18.31 1.62
C ILE A 206 -30.07 19.60 2.19
N ASP A 207 -30.87 20.36 2.90
CA ASP A 207 -30.41 21.61 3.47
C ASP A 207 -30.87 21.74 4.92
N VAL A 208 -30.01 22.32 5.75
CA VAL A 208 -30.38 22.57 7.14
C VAL A 208 -31.17 23.86 7.20
N ASP A 209 -32.35 23.80 7.81
CA ASP A 209 -33.21 24.95 7.90
C ASP A 209 -32.67 25.92 8.93
N TYR A 210 -32.71 27.21 8.59
CA TYR A 210 -32.30 28.27 9.52
C TYR A 210 -30.89 28.07 10.01
N PHE A 211 -29.97 27.86 9.07
CA PHE A 211 -28.59 27.59 9.46
C PHE A 211 -27.76 28.83 9.76
N LYS A 212 -27.94 29.89 8.99
CA LYS A 212 -27.26 31.15 9.27
C LYS A 212 -27.64 31.60 10.68
N ALA A 213 -28.92 31.42 11.00
CA ALA A 213 -29.44 31.74 12.32
C ALA A 213 -28.82 30.88 13.40
N TYR A 214 -28.58 29.60 13.11
CA TYR A 214 -27.88 28.73 14.04
C TYR A 214 -26.43 29.17 14.20
N ASN A 215 -25.79 29.41 13.07
CA ASN A 215 -24.38 29.75 13.03
C ASN A 215 -24.08 31.02 13.80
N ASP A 216 -25.04 31.96 13.80
CA ASP A 216 -24.82 33.31 14.31
C ASP A 216 -24.91 33.47 15.82
N ASN A 217 -25.72 32.68 16.50
CA ASN A 217 -25.78 32.79 17.96
C ASN A 217 -25.14 31.63 18.74
N PHE A 218 -24.79 30.55 18.03
CA PHE A 218 -24.09 29.43 18.64
C PHE A 218 -22.58 29.43 18.36
N GLY A 219 -22.19 30.00 17.22
CA GLY A 219 -20.79 30.00 16.84
C GLY A 219 -20.53 29.09 15.64
N HIS A 220 -19.56 29.50 14.82
CA HIS A 220 -19.23 28.79 13.59
C HIS A 220 -18.78 27.35 13.83
N LEU A 221 -18.10 27.13 14.95
CA LEU A 221 -17.63 25.81 15.31
C LEU A 221 -18.83 24.96 15.69
N GLU A 222 -19.70 25.53 16.52
CA GLU A 222 -20.92 24.85 16.96
C GLU A 222 -21.79 24.46 15.77
N GLY A 223 -21.74 25.26 14.72
CA GLY A 223 -22.43 24.97 13.49
C GLY A 223 -21.77 23.83 12.74
N ASP A 224 -20.44 23.80 12.80
CA ASP A 224 -19.67 22.72 12.19
C ASP A 224 -20.02 21.41 12.88
N GLU A 225 -20.08 21.45 14.20
CA GLU A 225 -20.46 20.28 14.98
C GLU A 225 -21.88 19.86 14.66
N ALA A 226 -22.75 20.85 14.43
CA ALA A 226 -24.12 20.59 14.02
C ALA A 226 -24.14 19.89 12.66
N LEU A 227 -23.41 20.46 11.72
CA LEU A 227 -23.25 19.87 10.40
C LEU A 227 -22.78 18.43 10.53
N ARG A 228 -21.87 18.20 11.46
CA ARG A 228 -21.31 16.88 11.69
C ARG A 228 -22.41 15.88 12.00
N GLN A 229 -23.17 16.14 13.07
CA GLN A 229 -24.26 15.26 13.49
C GLN A 229 -25.27 14.99 12.38
N VAL A 230 -25.63 16.01 11.62
CA VAL A 230 -26.50 15.81 10.47
C VAL A 230 -25.84 14.94 9.41
N ALA A 231 -24.57 15.18 9.17
CA ALA A 231 -23.81 14.39 8.21
C ALA A 231 -23.80 12.91 8.58
N LYS A 232 -23.78 12.62 9.89
CA LYS A 232 -23.78 11.26 10.37
C LYS A 232 -25.10 10.56 10.05
N ALA A 233 -26.20 11.29 10.23
CA ALA A 233 -27.53 10.75 9.99
C ALA A 233 -27.73 10.41 8.52
N ILE A 234 -27.21 11.27 7.66
CA ILE A 234 -27.25 11.06 6.22
C ILE A 234 -26.54 9.77 5.90
N ARG A 235 -25.32 9.63 6.41
CA ARG A 235 -24.50 8.45 6.18
C ARG A 235 -25.24 7.19 6.61
N ASN A 236 -26.13 7.33 7.58
CA ASN A 236 -26.86 6.18 8.11
C ASN A 236 -28.15 5.86 7.35
N SER A 237 -28.62 6.79 6.54
CA SER A 237 -29.85 6.55 5.78
C SER A 237 -29.62 5.57 4.63
N CYS A 238 -28.56 5.81 3.87
CA CYS A 238 -28.27 4.99 2.70
C CYS A 238 -27.25 3.90 3.04
N SER A 239 -27.49 2.70 2.53
CA SER A 239 -26.55 1.60 2.79
C SER A 239 -26.53 0.56 1.66
N ARG A 240 -26.58 1.03 0.42
CA ARG A 240 -26.38 0.15 -0.71
C ARG A 240 -25.09 0.54 -1.38
N PRO A 241 -24.39 -0.44 -1.98
CA PRO A 241 -23.03 -0.24 -2.48
C PRO A 241 -22.87 1.09 -3.22
N SER A 242 -23.92 1.51 -3.93
CA SER A 242 -23.82 2.65 -4.85
C SER A 242 -24.47 3.91 -4.31
N ASP A 243 -25.10 3.81 -3.16
CA ASP A 243 -25.60 5.00 -2.50
C ASP A 243 -24.41 5.85 -2.18
N LEU A 244 -24.48 7.15 -2.50
CA LEU A 244 -23.38 8.06 -2.19
C LEU A 244 -23.86 9.34 -1.54
N PRO A 245 -23.42 9.57 -0.29
CA PRO A 245 -23.74 10.79 0.48
C PRO A 245 -22.64 11.81 0.33
N ALA A 246 -22.98 13.07 0.09
CA ALA A 246 -21.96 14.08 -0.13
C ALA A 246 -22.31 15.40 0.51
N ARG A 247 -21.29 16.17 0.86
CA ARG A 247 -21.51 17.55 1.25
C ARG A 247 -21.50 18.38 -0.03
N TYR A 248 -22.68 18.81 -0.44
CA TYR A 248 -22.86 19.49 -1.71
C TYR A 248 -22.20 20.87 -1.73
N GLY A 249 -22.18 21.52 -0.57
CA GLY A 249 -21.57 22.83 -0.44
C GLY A 249 -22.05 23.62 0.76
N GLY A 250 -21.32 23.49 1.87
CA GLY A 250 -21.62 24.22 3.09
C GLY A 250 -22.70 23.55 3.92
N GLU A 251 -23.86 24.21 4.00
CA GLU A 251 -25.02 23.68 4.71
C GLU A 251 -25.80 22.71 3.83
N GLU A 252 -25.36 22.57 2.58
CA GLU A 252 -26.02 21.68 1.64
C GLU A 252 -25.38 20.28 1.54
N PHE A 253 -26.22 19.26 1.63
CA PHE A 253 -25.82 17.87 1.45
C PHE A 253 -26.54 17.27 0.27
N ALA A 254 -25.92 16.27 -0.35
CA ALA A 254 -26.56 15.54 -1.43
C ALA A 254 -26.47 14.06 -1.14
N MET A 255 -27.17 13.26 -1.93
CA MET A 255 -27.16 11.82 -1.73
C MET A 255 -27.69 11.15 -2.98
N VAL A 256 -26.76 10.63 -3.80
CA VAL A 256 -27.16 9.96 -5.02
C VAL A 256 -27.56 8.50 -4.77
N LEU A 257 -28.74 8.13 -5.25
CA LEU A 257 -29.27 6.79 -5.04
C LEU A 257 -29.57 6.10 -6.36
N PRO A 258 -28.57 5.41 -6.92
CA PRO A 258 -28.83 4.65 -8.14
C PRO A 258 -29.90 3.58 -7.90
N ASN A 259 -30.59 3.19 -8.96
CA ASN A 259 -31.52 2.06 -8.89
C ASN A 259 -32.60 2.16 -7.81
N THR A 260 -33.11 3.38 -7.60
CA THR A 260 -34.08 3.61 -6.54
C THR A 260 -35.33 4.33 -7.06
N SER A 261 -36.51 3.80 -6.75
CA SER A 261 -37.75 4.34 -7.29
C SER A 261 -38.10 5.67 -6.63
N PRO A 262 -38.98 6.45 -7.27
CA PRO A 262 -39.40 7.74 -6.71
C PRO A 262 -39.96 7.55 -5.31
N GLY A 263 -40.82 6.54 -5.18
CA GLY A 263 -41.44 6.21 -3.90
C GLY A 263 -40.44 5.70 -2.89
N GLY A 264 -39.43 4.97 -3.38
CA GLY A 264 -38.35 4.49 -2.53
C GLY A 264 -37.50 5.65 -2.02
N ALA A 265 -37.10 6.52 -2.94
CA ALA A 265 -36.34 7.70 -2.60
C ALA A 265 -37.07 8.53 -1.56
N ARG A 266 -38.39 8.69 -1.71
CA ARG A 266 -39.18 9.51 -0.81
C ARG A 266 -39.25 8.92 0.58
N LEU A 267 -39.41 7.60 0.62
CA LEU A 267 -39.43 6.86 1.87
C LEU A 267 -38.12 7.07 2.61
N LEU A 268 -37.02 6.94 1.86
CA LEU A 268 -35.70 7.09 2.42
C LEU A 268 -35.50 8.51 2.91
N ALA A 269 -36.02 9.46 2.14
CA ALA A 269 -35.97 10.88 2.49
C ALA A 269 -36.69 11.17 3.79
N GLU A 270 -37.86 10.58 3.98
CA GLU A 270 -38.67 10.82 5.17
C GLU A 270 -38.09 10.21 6.45
N LYS A 271 -37.48 9.04 6.34
CA LYS A 271 -36.82 8.41 7.48
C LYS A 271 -35.67 9.28 7.95
N LEU A 272 -34.97 9.87 6.98
CA LEU A 272 -33.83 10.72 7.27
C LEU A 272 -34.26 12.02 7.94
N ARG A 273 -35.25 12.68 7.35
CA ARG A 273 -35.76 13.93 7.90
C ARG A 273 -36.20 13.73 9.34
N GLN A 274 -36.99 12.69 9.58
CA GLN A 274 -37.43 12.35 10.93
C GLN A 274 -36.24 12.14 11.85
N SER A 275 -35.23 11.42 11.37
CA SER A 275 -34.02 11.17 12.15
C SER A 275 -33.42 12.46 12.68
N VAL A 276 -33.17 13.41 11.78
CA VAL A 276 -32.57 14.67 12.15
C VAL A 276 -33.39 15.39 13.23
N ALA A 277 -34.67 15.61 12.92
CA ALA A 277 -35.57 16.25 13.86
C ALA A 277 -35.52 15.56 15.23
N GLY A 278 -35.30 14.25 15.22
CA GLY A 278 -35.39 13.41 16.40
C GLY A 278 -34.18 13.52 17.28
N MET A 279 -33.06 13.89 16.70
CA MET A 279 -31.86 14.14 17.47
C MET A 279 -32.20 15.21 18.49
N ASN A 280 -33.17 16.04 18.12
CA ASN A 280 -33.62 17.15 18.94
C ASN A 280 -32.47 18.08 19.31
N ILE A 281 -31.86 18.67 18.29
CA ILE A 281 -30.76 19.60 18.50
C ILE A 281 -31.27 21.03 18.65
N PRO A 282 -30.99 21.64 19.81
CA PRO A 282 -31.52 22.95 20.19
C PRO A 282 -31.20 24.06 19.18
N HIS A 283 -32.25 24.63 18.61
CA HIS A 283 -32.13 25.83 17.80
C HIS A 283 -33.07 26.88 18.38
N ILE A 284 -32.81 28.16 18.10
CA ILE A 284 -33.70 29.21 18.57
C ILE A 284 -34.57 29.76 17.44
N ALA A 285 -34.46 29.15 16.26
CA ALA A 285 -35.27 29.52 15.11
C ALA A 285 -36.07 28.30 14.65
N PRO A 286 -37.27 28.54 14.10
CA PRO A 286 -37.83 29.86 13.81
C PRO A 286 -38.29 30.58 15.08
N VAL A 287 -38.38 29.84 16.17
CA VAL A 287 -38.91 30.35 17.42
C VAL A 287 -38.10 29.75 18.56
N PRO A 288 -38.12 30.38 19.74
CA PRO A 288 -37.45 29.74 20.87
C PRO A 288 -38.00 28.35 21.13
N GLY A 289 -37.12 27.42 21.51
CA GLY A 289 -37.54 26.07 21.83
C GLY A 289 -37.46 25.12 20.66
N SER A 290 -37.09 25.65 19.49
CA SER A 290 -37.00 24.85 18.27
C SER A 290 -35.79 23.92 18.26
N SER A 291 -35.88 22.86 17.46
CA SER A 291 -34.74 21.96 17.25
C SER A 291 -34.36 21.90 15.78
N LEU A 292 -33.08 21.64 15.52
CA LEU A 292 -32.55 21.62 14.17
C LEU A 292 -33.39 20.75 13.24
N THR A 293 -33.91 21.35 12.18
CA THR A 293 -34.66 20.62 11.17
C THR A 293 -33.93 20.66 9.84
N VAL A 294 -34.49 19.96 8.87
CA VAL A 294 -33.83 19.80 7.59
C VAL A 294 -34.89 19.72 6.49
N SER A 295 -34.65 20.43 5.40
CA SER A 295 -35.52 20.38 4.23
C SER A 295 -34.86 19.53 3.16
N ILE A 296 -35.65 18.70 2.47
CA ILE A 296 -35.10 17.83 1.44
C ILE A 296 -35.86 17.90 0.12
N GLY A 297 -35.10 17.95 -0.98
CA GLY A 297 -35.66 17.89 -2.31
C GLY A 297 -35.41 16.52 -2.89
N VAL A 298 -36.48 15.87 -3.33
CA VAL A 298 -36.36 14.57 -3.96
C VAL A 298 -36.56 14.71 -5.47
N ALA A 299 -35.89 13.86 -6.24
CA ALA A 299 -35.99 13.87 -7.70
C ALA A 299 -35.46 12.56 -8.24
N THR A 300 -36.18 11.94 -9.17
CA THR A 300 -35.70 10.70 -9.77
C THR A 300 -35.93 10.63 -11.28
N VAL A 301 -34.90 10.22 -12.00
CA VAL A 301 -34.93 10.20 -13.47
C VAL A 301 -34.40 8.89 -14.04
N THR A 302 -35.00 8.46 -15.15
CA THR A 302 -34.45 7.43 -16.00
C THR A 302 -33.85 8.15 -17.20
N PRO A 303 -32.51 8.29 -17.21
CA PRO A 303 -31.77 9.06 -18.23
C PRO A 303 -31.91 8.51 -19.65
N GLN A 304 -32.06 9.43 -20.60
CA GLN A 304 -32.09 9.09 -22.01
C GLN A 304 -30.80 9.58 -22.62
N VAL A 305 -30.38 8.98 -23.72
CA VAL A 305 -29.21 9.47 -24.44
C VAL A 305 -29.39 10.93 -24.84
N GLY A 306 -28.30 11.70 -24.78
CA GLY A 306 -28.34 13.11 -25.11
C GLY A 306 -28.76 13.98 -23.94
N GLN A 307 -29.42 13.38 -22.97
CA GLN A 307 -29.91 14.08 -21.79
C GLN A 307 -28.75 14.41 -20.85
N HIS A 308 -28.77 15.62 -20.30
CA HIS A 308 -27.68 16.09 -19.44
C HIS A 308 -28.04 15.95 -17.95
N SER A 309 -27.14 15.37 -17.16
CA SER A 309 -27.43 15.04 -15.77
C SER A 309 -27.94 16.23 -14.94
N ARG A 310 -27.70 17.44 -15.42
CA ARG A 310 -28.12 18.66 -14.71
C ARG A 310 -29.63 18.69 -14.51
N GLN A 311 -30.35 18.01 -15.39
CA GLN A 311 -31.79 17.89 -15.27
C GLN A 311 -32.19 17.31 -13.92
N LEU A 312 -31.48 16.26 -13.49
CA LEU A 312 -31.76 15.62 -12.22
C LEU A 312 -31.54 16.57 -11.06
N ILE A 313 -30.45 17.33 -11.12
CA ILE A 313 -30.13 18.31 -10.08
C ILE A 313 -31.20 19.38 -9.98
N LEU A 314 -31.58 19.94 -11.12
CA LEU A 314 -32.63 20.96 -11.16
C LEU A 314 -33.91 20.44 -10.52
N ASP A 315 -34.32 19.23 -10.87
CA ASP A 315 -35.52 18.63 -10.31
C ASP A 315 -35.44 18.50 -8.81
N ALA A 316 -34.25 18.23 -8.28
CA ALA A 316 -34.07 18.07 -6.84
C ALA A 316 -34.22 19.41 -6.15
N ASP A 317 -33.71 20.46 -6.81
CA ASP A 317 -33.73 21.81 -6.28
C ASP A 317 -35.14 22.38 -6.30
N LYS A 318 -35.91 22.02 -7.31
CA LYS A 318 -37.31 22.38 -7.34
C LYS A 318 -37.95 21.81 -6.08
N GLY A 319 -37.72 20.52 -5.85
CA GLY A 319 -38.25 19.85 -4.67
C GLY A 319 -37.74 20.47 -3.39
N LEU A 320 -36.45 20.78 -3.35
CA LEU A 320 -35.88 21.39 -2.17
C LEU A 320 -36.54 22.74 -1.95
N TYR A 321 -36.67 23.51 -3.02
CA TYR A 321 -37.32 24.82 -2.97
C TYR A 321 -38.78 24.74 -2.53
N LEU A 322 -39.51 23.74 -3.04
CA LEU A 322 -40.89 23.56 -2.64
C LEU A 322 -40.96 23.29 -1.15
N ALA A 323 -40.30 22.22 -0.72
CA ALA A 323 -40.27 21.86 0.69
C ALA A 323 -39.98 23.07 1.59
N LYS A 324 -39.00 23.88 1.19
CA LYS A 324 -38.68 25.09 1.94
C LYS A 324 -39.85 26.07 1.99
N ASN A 325 -40.48 26.29 0.83
CA ASN A 325 -41.60 27.23 0.72
C ASN A 325 -42.96 26.62 1.10
N ASN A 326 -42.91 25.66 2.02
CA ASN A 326 -44.14 25.07 2.54
C ASN A 326 -43.97 24.73 4.02
N GLY A 327 -43.00 25.37 4.65
CA GLY A 327 -42.83 25.27 6.09
C GLY A 327 -41.56 24.63 6.62
N ARG A 328 -40.61 24.31 5.73
CA ARG A 328 -39.36 23.66 6.12
C ARG A 328 -39.61 22.30 6.76
N ASN A 329 -38.56 21.66 7.26
CA ASN A 329 -38.65 20.36 7.91
C ASN A 329 -39.60 19.38 7.22
N GLN A 330 -39.50 19.30 5.90
CA GLN A 330 -40.35 18.38 5.15
C GLN A 330 -39.68 17.99 3.86
N VAL A 331 -40.23 16.94 3.24
CA VAL A 331 -39.74 16.42 1.99
C VAL A 331 -40.73 16.72 0.87
N ALA A 332 -40.23 17.17 -0.27
CA ALA A 332 -41.08 17.45 -1.43
C ALA A 332 -40.35 17.09 -2.72
N ALA A 333 -41.08 16.48 -3.65
CA ALA A 333 -40.49 16.05 -4.92
C ALA A 333 -40.59 17.17 -5.96
N GLY A 334 -39.47 17.50 -6.57
CA GLY A 334 -39.43 18.55 -7.57
C GLY A 334 -39.70 18.02 -8.97
P1 C2E B . -37.80 -1.15 3.00
O2P C2E B . -38.83 -0.61 3.86
O1P C2E B . -36.35 -1.19 3.76
O5' C2E B . -37.39 0.19 1.89
C5' C2E B . -37.70 -0.21 0.64
C4' C2E B . -37.49 0.92 -0.40
O4' C2E B . -36.97 2.18 0.13
C3' C2E B . -36.49 0.33 -1.30
O3' C2E B . -37.26 -0.42 -2.21
C2' C2E B . -35.69 1.54 -1.83
O2' C2E B . -36.06 2.12 -3.07
C1' C2E B . -35.68 2.38 -0.52
N9 C2E B . -34.58 1.92 0.33
C8 C2E B . -34.60 1.38 1.65
N7 C2E B . -33.20 1.36 2.10
C5 C2E B . -32.36 1.88 1.04
C6 C2E B . -30.97 2.09 0.94
O6 C2E B . -30.12 1.80 2.03
N1 C2E B . -30.43 2.63 -0.28
C2 C2E B . -31.23 2.95 -1.33
N2 C2E B . -30.69 3.51 -2.57
N3 C2E B . -32.63 2.72 -1.23
C4 C2E B . -33.16 2.19 -0.03
P11 C2E B . -37.26 -1.88 -2.24
O21 C2E B . -35.71 -2.15 -2.79
O11 C2E B . -38.23 -2.15 -3.29
O5A C2E B . -37.45 -3.29 -1.26
C5A C2E B . -38.47 -3.16 -0.12
C4A C2E B . -38.24 -4.29 0.89
O4A C2E B . -37.42 -5.42 0.47
C3A C2E B . -37.30 -3.60 2.11
O3A C2E B . -38.12 -2.76 3.00
C2A C2E B . -36.77 -4.91 2.74
O2A C2E B . -37.50 -5.51 3.79
C1A C2E B . -36.48 -5.75 1.50
N91 C2E B . -35.07 -5.51 1.05
C81 C2E B . -34.60 -4.86 -0.18
N71 C2E B . -33.13 -5.03 -0.21
C51 C2E B . -32.72 -5.46 1.12
C61 C2E B . -31.46 -5.62 1.68
O61 C2E B . -30.31 -5.33 0.92
N11 C2E B . -31.33 -6.09 3.06
C21 C2E B . -32.45 -6.38 3.80
N21 C2E B . -32.33 -6.84 5.18
N31 C2E B . -33.75 -6.23 3.22
C41 C2E B . -33.87 -5.77 1.89
P1 C2E C . -25.86 -4.69 0.28
O2P C2E C . -24.56 -4.08 0.07
O1P C2E C . -27.04 -4.11 -0.72
O5' C2E C . -26.48 -3.96 1.78
C5' C2E C . -26.52 -4.88 2.77
C4' C2E C . -27.13 -4.28 4.06
O4' C2E C . -27.54 -2.86 3.99
C3' C2E C . -28.36 -5.08 4.29
O3' C2E C . -27.90 -6.27 4.90
C2' C2E C . -29.20 -4.11 5.18
O2' C2E C . -28.94 -4.15 6.56
C1' C2E C . -28.93 -2.78 4.42
N9 C2E C . -29.89 -2.61 3.33
C8 C2E C . -29.67 -2.46 1.92
N7 C2E C . -30.98 -2.09 1.34
C5 C2E C . -31.99 -2.27 2.36
C6 C2E C . -33.40 -2.17 2.34
O6 C2E C . -34.09 -1.83 1.15
N1 C2E C . -34.16 -2.43 3.53
C2 C2E C . -33.53 -2.75 4.69
N2 C2E C . -34.30 -2.99 5.91
N3 C2E C . -32.11 -2.83 4.71
C4 C2E C . -31.36 -2.59 3.54
P11 C2E C . -27.98 -7.59 4.26
O21 C2E C . -29.61 -7.88 4.29
O11 C2E C . -27.32 -8.44 5.25
O5A C2E C . -27.62 -8.46 2.81
C5A C2E C . -26.33 -8.01 2.11
C4A C2E C . -26.39 -8.47 0.65
O4A C2E C . -27.43 -9.41 0.28
C3A C2E C . -26.82 -7.08 -0.24
O3A C2E C . -25.68 -6.17 -0.41
C2A C2E C . -27.28 -7.80 -1.52
O2A C2E C . -26.25 -8.09 -2.44
C1A C2E C . -28.07 -8.98 -0.92
N91 C2E C . -29.50 -8.60 -0.63
C81 C2E C . -30.20 -8.67 0.65
N71 C2E C . -31.64 -8.66 0.33
C51 C2E C . -31.79 -8.27 -1.08
C61 C2E C . -32.92 -7.98 -1.84
O61 C2E C . -34.20 -8.05 -1.25
N11 C2E C . -32.76 -7.61 -3.24
C21 C2E C . -31.51 -7.56 -3.82
N21 C2E C . -31.36 -7.20 -5.23
N31 C2E C . -30.35 -7.86 -3.04
C41 C2E C . -30.50 -8.21 -1.67
SR SR D . 46.42 -29.36 3.27
#